data_4KQJ
#
_entry.id   4KQJ
#
_cell.length_a   71.807
_cell.length_b   89.154
_cell.length_c   46.944
_cell.angle_alpha   90.000
_cell.angle_beta   90.000
_cell.angle_gamma   90.000
#
_symmetry.space_group_name_H-M   'P 21 21 2'
#
loop_
_entity.id
_entity.type
_entity.pdbx_description
1 polymer 'Nicotinate-nucleotide--dimethylbenzimidazole phosphoribosyltransferase'
2 non-polymer 'NICOTINATE MONONUCLEOTIDE'
3 non-polymer P-CRESOL
4 non-polymer 'SULFATE ION'
5 water water
#
_entity_poly.entity_id   1
_entity_poly.type   'polypeptide(L)'
_entity_poly.pdbx_seq_one_letter_code
;MQTLHALLRDIPAPDAEAMARAQQHIDGLLKPPGSLGRLETLAVQLAGMPGLNGTPQVGEKAVLVMCADHGVWDEGVAVY
PKIVTAIMAANMTRGTTGVCVLAAQAGAKVHVIDVGIDAEPIPGVVNMRVARGCGNIAVGPAMSRLQAEALLLEVSRYTC
DLAQRGVTLFGVGEMGMANTTPAAAMVSVFTGSDAKEVVGIGANLPPSRIDNKVDVVRRAIAINQPNPRDGIDVLSKVGG
FDLVGMTGVMLGAARCGLPVLLDGFLSYSAALAACQIAPAVRPYLIPSHFSAEKGARIALAHLSMEPYLHMAMRLGEGSG
AALAMPIVEAACAMFHNMGELAASNIVLPEGNANAT
;
_entity_poly.pdbx_strand_id   A
#
loop_
_chem_comp.id
_chem_comp.type
_chem_comp.name
_chem_comp.formula
NCN non-polymer 'NICOTINATE MONONUCLEOTIDE' 'C11 H14 N O9 P'
PCR non-polymer P-CRESOL 'C7 H8 O'
SO4 non-polymer 'SULFATE ION' 'O4 S -2'
#
# COMPACT_ATOMS: atom_id res chain seq x y z
N THR A 3 -3.59 -12.02 18.70
CA THR A 3 -4.56 -10.91 18.78
C THR A 3 -4.02 -9.62 18.18
N LEU A 4 -4.95 -8.78 17.75
CA LEU A 4 -4.60 -7.60 17.00
C LEU A 4 -3.87 -6.65 17.92
N HIS A 5 -4.24 -6.64 19.21
CA HIS A 5 -3.56 -5.81 20.23
C HIS A 5 -2.11 -6.22 20.34
N ALA A 6 -1.85 -7.53 20.41
CA ALA A 6 -0.48 -8.02 20.48
C ALA A 6 0.30 -7.63 19.22
N LEU A 7 -0.29 -7.87 18.05
CA LEU A 7 0.35 -7.49 16.82
C LEU A 7 0.84 -6.04 16.85
N LEU A 8 -0.06 -5.12 17.17
CA LEU A 8 0.23 -3.69 17.12
C LEU A 8 1.29 -3.32 18.13
N ARG A 9 1.12 -3.82 19.36
CA ARG A 9 2.11 -3.68 20.44
C ARG A 9 3.53 -4.11 19.99
N ASP A 10 3.62 -5.22 19.30
CA ASP A 10 4.94 -5.86 19.07
C ASP A 10 5.63 -5.47 17.78
N ILE A 11 5.11 -4.49 17.09
CA ILE A 11 5.85 -3.94 15.95
C ILE A 11 7.13 -3.35 16.41
N PRO A 12 8.27 -3.74 15.81
CA PRO A 12 9.51 -3.24 16.36
C PRO A 12 9.85 -1.82 15.98
N ALA A 13 10.63 -1.14 16.81
CA ALA A 13 11.06 0.23 16.44
C ALA A 13 12.21 -0.05 15.42
N PRO A 14 12.59 0.95 14.60
CA PRO A 14 13.75 0.81 13.74
C PRO A 14 15.04 0.76 14.54
N ASP A 15 16.06 0.14 13.97
CA ASP A 15 17.34 -0.16 14.72
C ASP A 15 18.21 1.03 14.41
N ALA A 16 18.31 1.94 15.38
CA ALA A 16 19.20 3.13 15.24
C ALA A 16 20.69 2.74 15.00
N GLU A 17 21.15 1.68 15.65
CA GLU A 17 22.55 1.30 15.57
C GLU A 17 22.90 0.89 14.13
N ALA A 18 22.04 0.10 13.48
CA ALA A 18 22.28 -0.42 12.18
C ALA A 18 22.27 0.73 11.23
N MET A 19 21.40 1.71 11.52
CA MET A 19 21.22 2.83 10.62
C MET A 19 22.44 3.72 10.61
N ALA A 20 23.00 3.96 11.79
CA ALA A 20 24.29 4.71 11.94
C ALA A 20 25.46 4.00 11.18
N ARG A 21 25.54 2.68 11.33
CA ARG A 21 26.53 1.92 10.63
C ARG A 21 26.31 2.02 9.14
N ALA A 22 25.06 1.94 8.72
CA ALA A 22 24.74 2.04 7.31
C ALA A 22 25.15 3.40 6.80
N GLN A 23 24.82 4.46 7.56
CA GLN A 23 25.22 5.81 7.16
C GLN A 23 26.70 6.04 7.03
N GLN A 24 27.46 5.56 8.00
CA GLN A 24 28.89 5.68 7.85
C GLN A 24 29.46 4.90 6.66
N HIS A 25 28.96 3.70 6.39
CA HIS A 25 29.39 2.96 5.21
C HIS A 25 29.15 3.73 3.89
N ILE A 26 27.95 4.24 3.75
CA ILE A 26 27.52 4.97 2.60
C ILE A 26 28.38 6.23 2.44
N ASP A 27 28.66 6.95 3.50
CA ASP A 27 29.46 8.15 3.34
C ASP A 27 30.83 7.82 2.79
N GLY A 28 31.37 6.66 3.13
CA GLY A 28 32.73 6.22 2.62
C GLY A 28 32.84 5.64 1.22
N LEU A 29 31.69 5.50 0.53
CA LEU A 29 31.68 4.93 -0.81
C LEU A 29 32.21 5.99 -1.78
N LEU A 30 32.48 5.49 -2.98
CA LEU A 30 33.33 6.15 -3.97
C LEU A 30 32.46 7.06 -4.76
N LYS A 31 32.09 8.15 -4.09
CA LYS A 31 31.25 9.22 -4.62
C LYS A 31 31.36 10.42 -3.67
N PRO A 32 31.04 11.67 -4.15
CA PRO A 32 30.86 12.76 -3.18
C PRO A 32 29.78 12.39 -2.14
N PRO A 33 30.02 12.69 -0.86
CA PRO A 33 29.00 12.33 0.11
C PRO A 33 27.67 13.00 -0.23
N GLY A 34 26.63 12.20 -0.13
CA GLY A 34 25.31 12.61 -0.40
C GLY A 34 24.91 12.59 -1.84
N SER A 35 25.82 12.25 -2.75
CA SER A 35 25.51 12.45 -4.16
C SER A 35 24.52 11.46 -4.72
N LEU A 36 24.28 10.33 -4.04
CA LEU A 36 23.23 9.38 -4.50
C LEU A 36 21.90 9.63 -3.84
N GLY A 37 21.85 10.75 -3.09
CA GLY A 37 20.65 11.31 -2.61
C GLY A 37 19.72 10.34 -1.99
N ARG A 38 18.52 10.23 -2.57
CA ARG A 38 17.51 9.27 -2.04
C ARG A 38 17.78 7.77 -2.11
N LEU A 39 18.72 7.31 -2.95
CA LEU A 39 19.20 5.95 -2.78
C LEU A 39 19.88 5.77 -1.42
N GLU A 40 20.58 6.80 -1.00
CA GLU A 40 21.28 6.74 0.31
C GLU A 40 20.28 6.62 1.43
N THR A 41 19.30 7.51 1.41
CA THR A 41 18.36 7.60 2.51
C THR A 41 17.52 6.31 2.53
N LEU A 42 17.22 5.78 1.34
CA LEU A 42 16.47 4.54 1.25
C LEU A 42 17.31 3.37 1.84
N ALA A 43 18.59 3.32 1.45
CA ALA A 43 19.51 2.32 1.97
C ALA A 43 19.56 2.39 3.54
N VAL A 44 19.56 3.58 4.09
CA VAL A 44 19.64 3.72 5.56
C VAL A 44 18.26 3.32 6.19
N GLN A 45 17.18 3.68 5.53
CA GLN A 45 15.88 3.30 6.01
C GLN A 45 15.74 1.77 6.13
N LEU A 46 16.14 1.07 5.07
CA LEU A 46 16.19 -0.36 4.97
C LEU A 46 17.04 -1.00 6.10
N ALA A 47 18.23 -0.47 6.27
CA ALA A 47 19.19 -0.92 7.33
C ALA A 47 18.49 -0.98 8.68
N GLY A 48 17.60 -0.02 8.92
CA GLY A 48 16.95 0.05 10.20
C GLY A 48 15.80 -0.89 10.37
N MET A 49 15.37 -1.60 9.33
CA MET A 49 14.21 -2.54 9.44
C MET A 49 14.69 -3.89 9.97
N PRO A 50 14.26 -4.22 11.20
CA PRO A 50 14.85 -5.42 11.80
C PRO A 50 14.73 -6.72 11.08
N GLY A 51 13.71 -6.90 10.25
CA GLY A 51 13.65 -8.18 9.49
C GLY A 51 14.65 -8.33 8.36
N LEU A 52 15.39 -7.28 8.07
CA LEU A 52 16.50 -7.35 7.17
C LEU A 52 17.85 -7.52 7.86
N ASN A 53 17.86 -7.72 9.18
CA ASN A 53 19.18 -8.17 9.70
C ASN A 53 20.37 -7.16 9.49
N GLY A 54 20.10 -5.89 9.75
CA GLY A 54 21.19 -4.90 9.94
C GLY A 54 21.76 -4.30 8.69
N THR A 55 21.17 -4.62 7.55
CA THR A 55 21.74 -4.21 6.31
C THR A 55 20.67 -4.14 5.19
N PRO A 56 20.87 -3.26 4.23
CA PRO A 56 19.99 -3.16 3.08
C PRO A 56 20.12 -4.41 2.23
N GLN A 57 19.03 -5.11 2.04
CA GLN A 57 19.01 -6.32 1.27
C GLN A 57 17.63 -6.61 0.76
N VAL A 58 17.62 -7.30 -0.35
CA VAL A 58 16.37 -7.75 -0.90
C VAL A 58 16.55 -9.19 -1.28
N GLY A 59 15.71 -10.05 -0.77
CA GLY A 59 15.71 -11.45 -1.16
C GLY A 59 14.56 -11.65 -2.12
N GLU A 60 13.55 -12.36 -1.69
CA GLU A 60 12.39 -12.56 -2.55
C GLU A 60 11.41 -11.43 -2.34
N LYS A 61 10.55 -11.25 -3.36
CA LYS A 61 9.67 -10.12 -3.44
C LYS A 61 8.28 -10.66 -3.76
N ALA A 62 7.32 -10.08 -3.07
CA ALA A 62 5.93 -10.46 -3.17
C ALA A 62 5.04 -9.21 -3.26
N VAL A 63 4.18 -9.14 -4.26
CA VAL A 63 3.14 -8.14 -4.35
C VAL A 63 1.80 -8.79 -4.03
N LEU A 64 1.13 -8.25 -3.01
CA LEU A 64 -0.17 -8.72 -2.48
C LEU A 64 -1.29 -7.85 -2.93
N VAL A 65 -2.15 -8.44 -3.75
CA VAL A 65 -3.17 -7.73 -4.48
C VAL A 65 -4.54 -8.09 -3.89
N MET A 66 -5.14 -7.15 -3.17
CA MET A 66 -6.35 -7.39 -2.42
C MET A 66 -7.56 -7.03 -3.28
N CYS A 67 -8.46 -7.99 -3.50
CA CYS A 67 -9.48 -7.85 -4.47
C CYS A 67 -10.84 -7.87 -3.80
N ALA A 68 -11.72 -6.92 -4.16
CA ALA A 68 -13.06 -6.89 -3.58
C ALA A 68 -13.97 -5.95 -4.33
N ASP A 69 -15.26 -6.11 -4.08
CA ASP A 69 -16.29 -5.29 -4.65
C ASP A 69 -16.97 -4.46 -3.55
N HIS A 70 -17.70 -3.46 -4.00
CA HIS A 70 -18.17 -2.38 -3.11
C HIS A 70 -19.61 -2.10 -3.42
N GLY A 71 -20.46 -1.99 -2.40
CA GLY A 71 -21.89 -1.68 -2.68
C GLY A 71 -22.13 -0.28 -3.24
N VAL A 72 -21.19 0.63 -2.98
CA VAL A 72 -21.30 1.99 -3.45
C VAL A 72 -21.19 2.06 -4.99
N TRP A 73 -20.84 0.94 -5.61
CA TRP A 73 -20.92 0.78 -7.07
C TRP A 73 -22.34 1.23 -7.52
N ASP A 74 -23.34 0.89 -6.72
CA ASP A 74 -24.73 1.10 -7.11
C ASP A 74 -25.11 2.60 -7.18
N GLU A 75 -24.25 3.45 -6.60
CA GLU A 75 -24.47 4.91 -6.64
C GLU A 75 -23.93 5.60 -7.92
N GLY A 76 -23.43 4.87 -8.90
CA GLY A 76 -23.09 5.51 -10.16
C GLY A 76 -21.70 6.16 -10.21
N VAL A 77 -20.87 5.82 -9.22
CA VAL A 77 -19.50 6.34 -9.11
C VAL A 77 -18.38 5.60 -9.89
N ALA A 78 -18.72 4.51 -10.58
CA ALA A 78 -17.72 3.76 -11.37
C ALA A 78 -18.15 3.49 -12.81
N VAL A 79 -17.21 3.53 -13.72
CA VAL A 79 -17.58 3.51 -15.15
C VAL A 79 -17.72 2.09 -15.66
N TYR A 80 -16.97 1.17 -15.05
CA TYR A 80 -16.96 -0.24 -15.48
C TYR A 80 -17.97 -1.10 -14.70
N PRO A 81 -18.51 -2.13 -15.37
CA PRO A 81 -19.42 -3.06 -14.79
C PRO A 81 -18.80 -3.75 -13.61
N LYS A 82 -19.63 -4.14 -12.63
CA LYS A 82 -19.14 -4.77 -11.40
C LYS A 82 -18.29 -6.02 -11.63
N ILE A 83 -18.66 -6.80 -12.64
CA ILE A 83 -17.97 -8.03 -12.98
C ILE A 83 -16.51 -7.88 -13.38
N VAL A 84 -16.11 -6.67 -13.77
CA VAL A 84 -14.71 -6.46 -14.06
C VAL A 84 -13.74 -6.85 -12.94
N THR A 85 -14.17 -6.64 -11.71
CA THR A 85 -13.31 -7.05 -10.59
C THR A 85 -13.05 -8.55 -10.66
N ALA A 86 -14.12 -9.34 -10.78
CA ALA A 86 -13.93 -10.80 -10.87
C ALA A 86 -13.14 -11.26 -12.10
N ILE A 87 -13.41 -10.65 -13.23
CA ILE A 87 -12.69 -10.96 -14.47
C ILE A 87 -11.20 -10.73 -14.30
N MET A 88 -10.84 -9.56 -13.77
CA MET A 88 -9.46 -9.16 -13.62
C MET A 88 -8.72 -10.05 -12.58
N ALA A 89 -9.41 -10.49 -11.53
CA ALA A 89 -8.78 -11.37 -10.53
C ALA A 89 -8.47 -12.68 -11.19
N ALA A 90 -9.39 -13.15 -12.02
CA ALA A 90 -9.10 -14.35 -12.82
C ALA A 90 -7.92 -14.11 -13.76
N ASN A 91 -7.89 -12.96 -14.39
CA ASN A 91 -6.73 -12.63 -15.27
C ASN A 91 -5.39 -12.61 -14.54
N MET A 92 -5.43 -12.24 -13.26
CA MET A 92 -4.25 -12.20 -12.44
C MET A 92 -3.61 -13.57 -12.33
N THR A 93 -4.43 -14.61 -12.23
CA THR A 93 -3.95 -16.04 -12.22
C THR A 93 -3.29 -16.50 -13.54
N ARG A 94 -3.56 -15.78 -14.64
CA ARG A 94 -2.95 -16.08 -15.94
C ARG A 94 -1.78 -15.19 -16.35
N GLY A 95 -1.35 -14.23 -15.52
CA GLY A 95 -0.14 -13.47 -15.84
C GLY A 95 -0.31 -12.37 -16.90
N THR A 96 -1.56 -11.98 -17.17
CA THR A 96 -1.84 -11.07 -18.28
C THR A 96 -2.06 -9.63 -17.89
N THR A 97 -2.07 -9.37 -16.58
CA THR A 97 -2.33 -8.04 -16.04
C THR A 97 -1.06 -7.20 -15.91
N GLY A 98 -1.26 -5.91 -15.88
CA GLY A 98 -0.24 -4.92 -15.58
C GLY A 98 0.61 -5.31 -14.40
N VAL A 99 0.00 -5.62 -13.24
CA VAL A 99 0.87 -5.96 -12.11
C VAL A 99 1.70 -7.21 -12.37
N CYS A 100 1.10 -8.22 -12.98
CA CYS A 100 1.78 -9.51 -13.29
C CYS A 100 3.03 -9.30 -14.16
N VAL A 101 2.86 -8.49 -15.19
CA VAL A 101 3.88 -8.17 -16.15
C VAL A 101 5.00 -7.35 -15.46
N LEU A 102 4.62 -6.43 -14.60
CA LEU A 102 5.62 -5.57 -14.00
C LEU A 102 6.31 -6.37 -12.83
N ALA A 103 5.58 -7.30 -12.22
CA ALA A 103 6.14 -8.10 -11.18
C ALA A 103 7.14 -9.05 -11.80
N ALA A 104 6.78 -9.65 -12.94
CA ALA A 104 7.70 -10.55 -13.68
C ALA A 104 8.98 -9.79 -14.03
N GLN A 105 8.83 -8.55 -14.50
CA GLN A 105 10.04 -7.78 -14.78
C GLN A 105 10.88 -7.60 -13.54
N ALA A 106 10.26 -7.43 -12.39
CA ALA A 106 11.01 -7.22 -11.18
C ALA A 106 11.43 -8.48 -10.49
N GLY A 107 11.09 -9.68 -11.02
CA GLY A 107 11.34 -10.92 -10.28
C GLY A 107 10.56 -11.06 -8.97
N ALA A 108 9.34 -10.56 -8.98
CA ALA A 108 8.48 -10.60 -7.81
C ALA A 108 7.35 -11.56 -8.05
N LYS A 109 6.84 -12.17 -7.00
CA LYS A 109 5.66 -13.04 -7.16
C LYS A 109 4.43 -12.24 -6.79
N VAL A 110 3.31 -12.52 -7.42
CA VAL A 110 2.09 -11.80 -7.17
C VAL A 110 1.15 -12.75 -6.42
N HIS A 111 0.60 -12.29 -5.30
CA HIS A 111 -0.35 -13.07 -4.54
C HIS A 111 -1.70 -12.44 -4.74
N VAL A 112 -2.60 -13.11 -5.42
CA VAL A 112 -3.92 -12.57 -5.67
C VAL A 112 -4.84 -13.06 -4.54
N ILE A 113 -5.33 -12.13 -3.72
CA ILE A 113 -6.21 -12.44 -2.61
C ILE A 113 -7.61 -11.85 -2.73
N ASP A 114 -8.61 -12.74 -2.69
CA ASP A 114 -9.96 -12.34 -2.75
C ASP A 114 -10.41 -12.06 -1.30
N VAL A 115 -10.62 -10.78 -0.98
CA VAL A 115 -11.07 -10.41 0.37
C VAL A 115 -12.54 -10.01 0.35
N GLY A 116 -13.17 -10.03 -0.83
CA GLY A 116 -14.65 -9.88 -0.94
C GLY A 116 -15.27 -9.54 -2.31
N ILE A 117 -14.97 -10.34 -3.33
CA ILE A 117 -15.48 -10.13 -4.71
C ILE A 117 -16.90 -10.62 -4.73
N ASP A 118 -17.76 -9.86 -5.38
CA ASP A 118 -19.14 -10.23 -5.48
C ASP A 118 -19.36 -11.12 -6.72
N ALA A 119 -18.88 -12.33 -6.65
CA ALA A 119 -18.99 -13.28 -7.68
C ALA A 119 -18.67 -14.64 -7.00
N GLU A 120 -18.88 -15.73 -7.74
CA GLU A 120 -18.37 -17.00 -7.36
C GLU A 120 -16.85 -16.99 -7.12
N PRO A 121 -16.41 -17.82 -6.18
CA PRO A 121 -15.00 -17.86 -5.95
C PRO A 121 -14.19 -18.23 -7.18
N ILE A 122 -13.00 -17.68 -7.27
CA ILE A 122 -12.23 -17.91 -8.46
C ILE A 122 -11.14 -18.93 -8.14
N PRO A 123 -11.13 -20.05 -8.89
CA PRO A 123 -10.10 -21.03 -8.57
C PRO A 123 -8.68 -20.47 -8.66
N GLY A 124 -7.81 -20.86 -7.74
CA GLY A 124 -6.42 -20.39 -7.82
C GLY A 124 -6.15 -19.05 -7.15
N VAL A 125 -7.20 -18.39 -6.70
CA VAL A 125 -7.06 -17.11 -6.00
C VAL A 125 -7.10 -17.47 -4.54
N VAL A 126 -6.31 -16.79 -3.72
CA VAL A 126 -6.32 -17.04 -2.31
C VAL A 126 -7.60 -16.53 -1.73
N ASN A 127 -8.33 -17.39 -1.06
CA ASN A 127 -9.63 -17.01 -0.53
C ASN A 127 -9.65 -16.52 0.92
N MET A 128 -9.86 -15.22 1.09
CA MET A 128 -10.13 -14.60 2.41
C MET A 128 -11.39 -13.80 2.37
N ARG A 129 -12.37 -14.27 1.65
CA ARG A 129 -13.52 -13.39 1.39
C ARG A 129 -14.39 -13.14 2.58
N VAL A 130 -14.59 -11.88 2.92
CA VAL A 130 -15.41 -11.55 4.07
C VAL A 130 -16.86 -11.66 3.75
N ALA A 131 -17.23 -11.13 2.59
CA ALA A 131 -18.59 -11.25 2.00
C ALA A 131 -18.58 -10.94 0.48
N ARG A 132 -19.72 -11.07 -0.18
CA ARG A 132 -19.80 -10.83 -1.61
C ARG A 132 -19.95 -9.34 -1.85
N GLY A 133 -18.84 -8.64 -1.80
CA GLY A 133 -18.85 -7.17 -1.84
C GLY A 133 -19.17 -6.56 -0.47
N CYS A 134 -18.66 -5.36 -0.19
CA CYS A 134 -18.93 -4.68 1.10
C CYS A 134 -20.27 -3.87 1.05
N GLY A 135 -20.77 -3.47 2.20
CA GLY A 135 -22.00 -2.65 2.20
C GLY A 135 -21.75 -1.31 1.48
N ASN A 136 -22.85 -0.69 1.08
CA ASN A 136 -22.82 0.54 0.32
C ASN A 136 -22.55 1.66 1.26
N ILE A 137 -21.32 2.19 1.22
CA ILE A 137 -20.90 3.20 2.20
C ILE A 137 -21.80 4.47 2.13
N ALA A 138 -22.51 4.70 1.01
CA ALA A 138 -23.50 5.83 1.00
C ALA A 138 -24.70 5.75 2.00
N VAL A 139 -25.13 4.53 2.37
CA VAL A 139 -26.26 4.36 3.29
C VAL A 139 -25.96 3.78 4.64
N GLY A 140 -24.71 3.32 4.87
CA GLY A 140 -24.40 2.58 6.07
C GLY A 140 -22.94 2.19 6.01
N PRO A 141 -22.51 1.36 6.99
CA PRO A 141 -21.11 0.90 7.06
C PRO A 141 -20.72 -0.06 5.92
N ALA A 142 -19.42 -0.05 5.56
CA ALA A 142 -18.87 -1.04 4.64
C ALA A 142 -18.97 -2.43 5.28
N MET A 143 -18.76 -2.51 6.60
CA MET A 143 -18.60 -3.79 7.31
C MET A 143 -18.71 -3.53 8.79
N SER A 144 -18.78 -4.59 9.58
CA SER A 144 -18.72 -4.51 11.04
C SER A 144 -17.28 -4.28 11.50
N ARG A 145 -17.13 -3.75 12.72
CA ARG A 145 -15.77 -3.62 13.25
C ARG A 145 -15.13 -4.99 13.40
N LEU A 146 -15.93 -5.97 13.85
CA LEU A 146 -15.42 -7.35 13.98
C LEU A 146 -14.82 -7.83 12.65
N GLN A 147 -15.52 -7.54 11.56
CA GLN A 147 -15.06 -7.96 10.26
C GLN A 147 -13.74 -7.29 9.85
N ALA A 148 -13.61 -6.00 10.15
CA ALA A 148 -12.43 -5.31 9.76
C ALA A 148 -11.26 -5.81 10.61
N GLU A 149 -11.50 -6.06 11.88
CA GLU A 149 -10.45 -6.56 12.77
C GLU A 149 -9.97 -7.93 12.37
N ALA A 150 -10.92 -8.83 12.06
CA ALA A 150 -10.61 -10.18 11.68
C ALA A 150 -9.77 -10.18 10.39
N LEU A 151 -10.15 -9.35 9.42
CA LEU A 151 -9.43 -9.32 8.16
C LEU A 151 -8.03 -8.78 8.31
N LEU A 152 -7.85 -7.72 9.10
CA LEU A 152 -6.55 -7.21 9.33
C LEU A 152 -5.65 -8.26 9.89
N LEU A 153 -6.18 -9.01 10.86
CA LEU A 153 -5.35 -9.97 11.57
C LEU A 153 -5.05 -11.13 10.61
N GLU A 154 -6.02 -11.54 9.87
CA GLU A 154 -5.81 -12.58 8.88
C GLU A 154 -4.70 -12.18 7.87
N VAL A 155 -4.86 -11.03 7.27
CA VAL A 155 -3.93 -10.56 6.28
C VAL A 155 -2.52 -10.31 6.89
N SER A 156 -2.48 -9.69 8.03
CA SER A 156 -1.21 -9.50 8.70
C SER A 156 -0.42 -10.80 8.91
N ARG A 157 -1.10 -11.88 9.22
CA ARG A 157 -0.45 -13.12 9.52
C ARG A 157 0.02 -13.77 8.21
N TYR A 158 -0.80 -13.67 7.21
CA TYR A 158 -0.43 -14.22 5.93
C TYR A 158 0.88 -13.56 5.43
N THR A 159 0.88 -12.26 5.59
CA THR A 159 1.98 -11.45 5.10
C THR A 159 3.28 -11.79 5.80
N CYS A 160 3.27 -11.81 7.12
CA CYS A 160 4.43 -12.09 7.91
C CYS A 160 4.87 -13.55 7.77
N ASP A 161 3.94 -14.48 7.48
CA ASP A 161 4.31 -15.86 7.15
CA ASP A 161 4.35 -15.84 7.17
C ASP A 161 5.18 -15.94 5.90
N LEU A 162 4.87 -15.12 4.90
CA LEU A 162 5.68 -15.05 3.68
C LEU A 162 7.18 -14.83 4.02
N ALA A 163 7.48 -14.12 5.10
CA ALA A 163 8.88 -14.02 5.56
C ALA A 163 9.62 -15.36 5.79
N GLN A 164 8.91 -16.41 6.21
CA GLN A 164 9.56 -17.70 6.43
C GLN A 164 9.97 -18.28 5.10
N ARG A 165 9.19 -18.03 4.06
CA ARG A 165 9.56 -18.47 2.74
C ARG A 165 10.62 -17.61 2.08
N GLY A 166 11.31 -16.74 2.84
CA GLY A 166 12.35 -15.88 2.27
C GLY A 166 11.94 -14.53 1.62
N VAL A 167 10.70 -14.06 1.80
CA VAL A 167 10.29 -12.72 1.33
C VAL A 167 10.81 -11.65 2.25
N THR A 168 11.54 -10.74 1.67
CA THR A 168 12.02 -9.63 2.40
C THR A 168 11.44 -8.29 1.97
N LEU A 169 10.69 -8.25 0.87
CA LEU A 169 10.08 -7.01 0.40
C LEU A 169 8.68 -7.23 -0.17
N PHE A 170 7.75 -6.41 0.27
CA PHE A 170 6.39 -6.51 -0.15
C PHE A 170 6.01 -5.31 -0.93
N GLY A 171 4.98 -5.47 -1.73
CA GLY A 171 4.29 -4.36 -2.36
C GLY A 171 2.82 -4.61 -2.17
N VAL A 172 2.02 -3.57 -2.03
CA VAL A 172 0.61 -3.79 -1.87
C VAL A 172 -0.09 -3.30 -3.10
N GLY A 173 -1.24 -3.91 -3.36
CA GLY A 173 -2.09 -3.47 -4.42
C GLY A 173 -3.53 -3.89 -4.17
N GLU A 174 -4.40 -3.49 -5.10
CA GLU A 174 -5.81 -3.89 -5.06
C GLU A 174 -6.42 -3.98 -6.42
N MET A 175 -7.66 -4.52 -6.45
CA MET A 175 -8.54 -4.48 -7.59
C MET A 175 -9.94 -4.45 -7.05
N GLY A 176 -10.72 -3.48 -7.50
CA GLY A 176 -12.15 -3.30 -7.04
C GLY A 176 -12.79 -2.10 -7.71
N MET A 177 -13.74 -2.41 -8.55
CA MET A 177 -14.55 -1.38 -9.15
C MET A 177 -15.21 -0.57 -8.06
N ALA A 178 -15.22 0.75 -8.29
CA ALA A 178 -15.72 1.80 -7.39
C ALA A 178 -14.80 2.10 -6.25
N ASN A 179 -13.62 1.45 -6.14
CA ASN A 179 -12.91 1.59 -4.89
C ASN A 179 -12.24 2.94 -4.68
N THR A 180 -12.25 3.81 -5.69
CA THR A 180 -11.68 5.18 -5.46
C THR A 180 -12.63 6.08 -4.63
N THR A 181 -13.85 5.61 -4.46
CA THR A 181 -14.82 6.34 -3.68
C THR A 181 -14.54 6.17 -2.17
N PRO A 182 -14.55 4.94 -1.66
CA PRO A 182 -14.10 4.85 -0.23
C PRO A 182 -12.70 5.37 0.02
N ALA A 183 -11.77 5.21 -0.93
CA ALA A 183 -10.42 5.70 -0.69
C ALA A 183 -10.50 7.21 -0.47
N ALA A 184 -11.32 7.90 -1.28
CA ALA A 184 -11.45 9.32 -1.17
C ALA A 184 -12.09 9.66 0.17
N ALA A 185 -13.13 8.95 0.54
CA ALA A 185 -13.80 9.18 1.79
C ALA A 185 -12.82 9.09 2.94
N MET A 186 -11.99 8.03 2.95
CA MET A 186 -11.01 7.87 3.99
C MET A 186 -9.96 9.03 4.00
N VAL A 187 -9.48 9.37 2.81
CA VAL A 187 -8.52 10.46 2.70
C VAL A 187 -9.14 11.74 3.29
N SER A 188 -10.39 12.01 2.93
CA SER A 188 -11.08 13.20 3.41
C SER A 188 -11.17 13.16 4.91
N VAL A 189 -11.54 11.99 5.44
CA VAL A 189 -11.69 11.87 6.88
C VAL A 189 -10.33 11.94 7.63
N PHE A 190 -9.28 11.30 7.15
CA PHE A 190 -8.04 11.34 7.89
C PHE A 190 -7.37 12.69 7.79
N THR A 191 -7.45 13.33 6.63
CA THR A 191 -6.74 14.60 6.45
C THR A 191 -7.56 15.86 6.70
N GLY A 192 -8.87 15.70 6.90
CA GLY A 192 -9.80 16.79 7.01
C GLY A 192 -9.92 17.59 5.74
N SER A 193 -9.66 17.01 4.58
CA SER A 193 -9.81 17.77 3.36
C SER A 193 -11.21 17.55 2.84
N ASP A 194 -11.77 18.58 2.25
CA ASP A 194 -13.11 18.47 1.70
C ASP A 194 -13.09 17.49 0.52
N ALA A 195 -14.15 16.68 0.44
CA ALA A 195 -14.25 15.65 -0.55
C ALA A 195 -13.98 16.14 -1.97
N LYS A 196 -14.39 17.37 -2.28
CA LYS A 196 -14.15 17.91 -3.62
C LYS A 196 -12.62 17.98 -3.95
N GLU A 197 -11.78 18.03 -2.93
CA GLU A 197 -10.31 18.14 -3.13
C GLU A 197 -9.66 16.77 -3.32
N VAL A 198 -10.38 15.71 -2.98
CA VAL A 198 -9.74 14.40 -2.98
C VAL A 198 -10.44 13.33 -3.81
N VAL A 199 -11.48 13.71 -4.56
CA VAL A 199 -12.24 12.80 -5.39
C VAL A 199 -11.75 12.98 -6.78
N GLY A 200 -11.17 11.90 -7.31
CA GLY A 200 -10.62 11.86 -8.64
C GLY A 200 -11.55 11.16 -9.60
N ILE A 201 -11.07 11.03 -10.84
CA ILE A 201 -11.76 10.37 -11.97
C ILE A 201 -11.68 8.82 -11.92
N GLY A 202 -10.90 8.29 -10.98
CA GLY A 202 -10.74 6.82 -10.84
C GLY A 202 -10.42 6.16 -12.18
N ALA A 203 -11.20 5.16 -12.58
CA ALA A 203 -10.97 4.48 -13.84
C ALA A 203 -11.71 5.25 -14.94
N ASN A 204 -11.27 6.47 -15.23
CA ASN A 204 -11.77 7.26 -16.38
C ASN A 204 -13.22 7.62 -16.19
N LEU A 205 -13.60 8.13 -15.02
CA LEU A 205 -15.01 8.46 -14.78
C LEU A 205 -15.25 9.72 -15.58
N PRO A 206 -16.37 9.81 -16.30
CA PRO A 206 -16.47 11.09 -17.06
C PRO A 206 -16.68 12.32 -16.17
N PRO A 207 -16.21 13.51 -16.62
CA PRO A 207 -16.36 14.80 -15.89
C PRO A 207 -17.81 15.09 -15.44
N SER A 208 -18.77 14.76 -16.27
CA SER A 208 -20.15 15.02 -15.90
C SER A 208 -20.56 14.22 -14.67
N ARG A 209 -19.91 13.07 -14.42
CA ARG A 209 -20.26 12.24 -13.23
C ARG A 209 -19.48 12.55 -11.94
N ILE A 210 -18.54 13.50 -11.98
CA ILE A 210 -17.71 13.78 -10.80
C ILE A 210 -18.55 14.27 -9.61
N ASP A 211 -19.43 15.23 -9.86
CA ASP A 211 -20.25 15.87 -8.83
C ASP A 211 -21.03 14.87 -7.99
N ASN A 212 -21.59 13.87 -8.65
CA ASN A 212 -22.26 12.77 -7.95
C ASN A 212 -21.30 12.00 -6.97
N LYS A 213 -20.08 11.76 -7.43
CA LYS A 213 -19.10 11.05 -6.68
C LYS A 213 -18.78 11.86 -5.45
N VAL A 214 -18.63 13.20 -5.58
CA VAL A 214 -18.31 14.06 -4.47
C VAL A 214 -19.49 14.02 -3.50
N ASP A 215 -20.72 14.12 -4.03
CA ASP A 215 -21.88 14.07 -3.14
CA ASP A 215 -21.91 14.05 -3.20
C ASP A 215 -21.91 12.76 -2.39
N VAL A 216 -21.60 11.68 -3.07
CA VAL A 216 -21.63 10.34 -2.49
C VAL A 216 -20.62 10.27 -1.40
N VAL A 217 -19.38 10.74 -1.63
CA VAL A 217 -18.40 10.71 -0.52
C VAL A 217 -18.91 11.49 0.73
N ARG A 218 -19.51 12.66 0.49
CA ARG A 218 -20.02 13.50 1.57
C ARG A 218 -21.13 12.81 2.30
N ARG A 219 -21.97 12.10 1.55
CA ARG A 219 -23.05 11.40 2.18
C ARG A 219 -22.58 10.20 3.03
N ALA A 220 -21.57 9.48 2.53
CA ALA A 220 -21.00 8.37 3.28
C ALA A 220 -20.42 8.78 4.64
N ILE A 221 -19.66 9.86 4.66
CA ILE A 221 -19.14 10.47 5.84
C ILE A 221 -20.25 11.03 6.74
N ALA A 222 -21.23 11.74 6.18
CA ALA A 222 -22.33 12.27 7.04
C ALA A 222 -23.04 11.12 7.78
N ILE A 223 -23.43 10.07 7.04
CA ILE A 223 -24.23 8.98 7.60
C ILE A 223 -23.43 8.08 8.56
N ASN A 224 -22.13 7.90 8.30
CA ASN A 224 -21.41 6.91 9.10
C ASN A 224 -20.67 7.50 10.29
N GLN A 225 -20.33 8.78 10.17
CA GLN A 225 -19.66 9.50 11.24
C GLN A 225 -18.43 8.72 11.64
N PRO A 226 -17.56 8.44 10.66
CA PRO A 226 -16.32 7.82 11.06
C PRO A 226 -15.45 8.69 12.01
N ASN A 227 -14.83 8.09 13.01
CA ASN A 227 -13.98 8.80 13.92
C ASN A 227 -12.55 8.84 13.37
N PRO A 228 -12.08 10.03 12.97
CA PRO A 228 -10.74 10.14 12.32
C PRO A 228 -9.55 9.62 13.21
N ARG A 229 -9.75 9.59 14.52
CA ARG A 229 -8.73 9.13 15.48
C ARG A 229 -8.86 7.64 15.82
N ASP A 230 -9.70 6.91 15.09
CA ASP A 230 -9.80 5.49 15.22
C ASP A 230 -9.75 4.89 13.81
N GLY A 231 -8.58 4.51 13.30
CA GLY A 231 -8.53 4.09 11.89
C GLY A 231 -9.37 2.87 11.53
N ILE A 232 -9.48 1.97 12.49
CA ILE A 232 -10.22 0.75 12.27
C ILE A 232 -11.69 1.18 12.09
N ASP A 233 -12.14 2.18 12.87
CA ASP A 233 -13.53 2.71 12.70
C ASP A 233 -13.72 3.28 11.24
N VAL A 234 -12.69 3.99 10.78
CA VAL A 234 -12.77 4.65 9.52
C VAL A 234 -12.85 3.59 8.43
N LEU A 235 -11.91 2.64 8.46
CA LEU A 235 -11.90 1.50 7.51
C LEU A 235 -13.23 0.79 7.51
N SER A 236 -13.76 0.46 8.66
CA SER A 236 -14.95 -0.37 8.72
C SER A 236 -16.21 0.37 8.22
N LYS A 237 -16.21 1.68 8.32
CA LYS A 237 -17.42 2.47 8.02
C LYS A 237 -17.42 2.96 6.61
N VAL A 238 -16.34 3.59 6.16
CA VAL A 238 -16.31 4.13 4.80
C VAL A 238 -15.17 3.67 3.93
N GLY A 239 -14.55 2.57 4.34
CA GLY A 239 -13.52 1.89 3.51
C GLY A 239 -14.19 0.78 2.73
N GLY A 240 -13.43 -0.30 2.58
CA GLY A 240 -13.71 -1.46 1.75
C GLY A 240 -12.82 -2.64 2.23
N PHE A 241 -13.18 -3.88 1.86
CA PHE A 241 -12.41 -5.05 2.19
C PHE A 241 -11.02 -5.00 1.56
N ASP A 242 -10.96 -4.52 0.30
CA ASP A 242 -9.66 -4.33 -0.27
C ASP A 242 -8.78 -3.34 0.52
N LEU A 243 -9.36 -2.20 0.90
CA LEU A 243 -8.58 -1.19 1.66
C LEU A 243 -8.07 -1.78 2.97
N VAL A 244 -8.97 -2.48 3.64
CA VAL A 244 -8.59 -3.17 4.92
C VAL A 244 -7.52 -4.17 4.69
N GLY A 245 -7.67 -4.98 3.65
CA GLY A 245 -6.61 -5.90 3.35
C GLY A 245 -5.21 -5.27 3.18
N MET A 246 -5.15 -4.22 2.38
CA MET A 246 -3.89 -3.51 2.15
CA MET A 246 -3.88 -3.53 2.15
C MET A 246 -3.35 -2.93 3.45
N THR A 247 -4.22 -2.35 4.23
CA THR A 247 -3.81 -2.00 5.58
C THR A 247 -3.15 -3.18 6.35
N GLY A 248 -3.76 -4.34 6.24
CA GLY A 248 -3.29 -5.56 6.89
C GLY A 248 -1.93 -5.99 6.39
N VAL A 249 -1.66 -5.75 5.11
CA VAL A 249 -0.34 -6.03 4.58
C VAL A 249 0.65 -5.13 5.23
N MET A 250 0.33 -3.85 5.39
CA MET A 250 1.27 -2.92 6.01
C MET A 250 1.49 -3.27 7.48
N LEU A 251 0.45 -3.63 8.20
CA LEU A 251 0.65 -4.03 9.60
C LEU A 251 1.52 -5.29 9.71
N GLY A 252 1.31 -6.28 8.81
CA GLY A 252 2.07 -7.51 8.85
C GLY A 252 3.54 -7.34 8.50
N ALA A 253 3.81 -6.50 7.53
CA ALA A 253 5.17 -6.26 7.13
C ALA A 253 5.90 -5.55 8.31
N ALA A 254 5.19 -4.61 8.91
CA ALA A 254 5.79 -3.82 9.99
C ALA A 254 6.04 -4.69 11.19
N ARG A 255 5.08 -5.56 11.48
CA ARG A 255 5.28 -6.50 12.59
C ARG A 255 6.52 -7.38 12.31
N CYS A 256 6.68 -7.83 11.08
CA CYS A 256 7.82 -8.61 10.65
C CYS A 256 9.10 -7.76 10.53
N GLY A 257 9.06 -6.43 10.69
CA GLY A 257 10.29 -5.65 10.59
C GLY A 257 10.79 -5.49 9.16
N LEU A 258 9.83 -5.48 8.22
CA LEU A 258 10.16 -5.55 6.82
C LEU A 258 9.45 -4.47 5.98
N PRO A 259 10.05 -4.12 4.86
CA PRO A 259 9.55 -3.05 4.02
C PRO A 259 8.38 -3.44 3.12
N VAL A 260 7.47 -2.47 2.95
CA VAL A 260 6.39 -2.54 1.98
CA VAL A 260 6.41 -2.56 1.99
C VAL A 260 6.38 -1.32 1.12
N LEU A 261 6.35 -1.59 -0.18
CA LEU A 261 6.15 -0.59 -1.17
C LEU A 261 4.66 -0.24 -1.29
N LEU A 262 4.33 1.02 -1.13
CA LEU A 262 3.01 1.52 -1.56
C LEU A 262 2.88 1.48 -3.08
N ASP A 263 1.63 1.64 -3.50
CA ASP A 263 1.25 1.70 -4.87
C ASP A 263 0.66 3.07 -5.17
N GLY A 264 -0.62 3.14 -5.55
CA GLY A 264 -1.28 4.41 -5.75
C GLY A 264 -2.29 4.87 -4.72
N PHE A 265 -3.29 5.60 -5.24
CA PHE A 265 -4.24 6.32 -4.39
C PHE A 265 -4.91 5.47 -3.33
N LEU A 266 -5.36 4.31 -3.74
CA LEU A 266 -5.98 3.33 -2.85
C LEU A 266 -5.03 2.95 -1.69
N SER A 267 -3.79 2.64 -2.03
CA SER A 267 -2.76 2.29 -1.10
C SER A 267 -2.45 3.43 -0.14
N TYR A 268 -2.50 4.69 -0.62
CA TYR A 268 -2.35 5.87 0.26
C TYR A 268 -3.44 5.93 1.31
N SER A 269 -4.68 5.69 0.91
CA SER A 269 -5.77 5.73 1.88
C SER A 269 -5.56 4.68 2.99
N ALA A 270 -5.08 3.52 2.58
CA ALA A 270 -4.85 2.36 3.47
C ALA A 270 -3.68 2.68 4.38
N ALA A 271 -2.68 3.32 3.80
CA ALA A 271 -1.55 3.75 4.54
C ALA A 271 -1.88 4.80 5.64
N LEU A 272 -2.79 5.70 5.31
CA LEU A 272 -3.28 6.68 6.30
C LEU A 272 -3.88 5.98 7.52
N ALA A 273 -4.74 5.00 7.24
CA ALA A 273 -5.29 4.13 8.27
C ALA A 273 -4.24 3.38 9.04
N ALA A 274 -3.32 2.74 8.31
CA ALA A 274 -2.23 1.98 8.99
C ALA A 274 -1.52 2.83 10.04
N CYS A 275 -1.10 3.98 9.63
CA CYS A 275 -0.32 4.89 10.50
C CYS A 275 -1.13 5.52 11.64
N GLN A 276 -2.42 5.70 11.41
CA GLN A 276 -3.31 6.15 12.46
C GLN A 276 -3.44 5.07 13.53
N ILE A 277 -3.67 3.85 13.09
CA ILE A 277 -3.82 2.73 13.96
C ILE A 277 -2.53 2.45 14.71
N ALA A 278 -1.40 2.55 14.01
CA ALA A 278 -0.13 2.21 14.58
C ALA A 278 0.96 3.05 13.98
N PRO A 279 1.36 4.10 14.68
CA PRO A 279 2.38 5.01 14.12
C PRO A 279 3.70 4.35 13.82
N ALA A 280 3.97 3.23 14.53
CA ALA A 280 5.16 2.48 14.35
C ALA A 280 5.23 1.75 12.98
N VAL A 281 4.11 1.64 12.24
CA VAL A 281 4.16 1.23 10.86
C VAL A 281 4.99 2.12 9.91
N ARG A 282 5.09 3.42 10.21
CA ARG A 282 5.45 4.42 9.23
C ARG A 282 6.87 4.17 8.69
N PRO A 283 7.82 3.89 9.57
CA PRO A 283 9.17 3.67 9.01
C PRO A 283 9.41 2.48 8.08
N TYR A 284 8.42 1.61 7.95
CA TYR A 284 8.48 0.45 7.06
C TYR A 284 7.88 0.73 5.66
N LEU A 285 7.17 1.83 5.53
CA LEU A 285 6.51 2.15 4.27
C LEU A 285 7.46 2.87 3.31
N ILE A 286 7.41 2.48 2.05
CA ILE A 286 8.24 3.04 1.04
C ILE A 286 7.29 3.43 -0.10
N PRO A 287 7.37 4.67 -0.53
CA PRO A 287 6.50 5.07 -1.64
C PRO A 287 7.06 4.55 -2.94
N SER A 288 6.24 4.40 -3.98
CA SER A 288 6.75 4.04 -5.27
C SER A 288 6.56 5.22 -6.21
N HIS A 289 5.33 5.38 -6.65
CA HIS A 289 4.97 6.40 -7.59
C HIS A 289 3.92 7.36 -7.10
N PHE A 290 3.73 8.41 -7.90
CA PHE A 290 2.84 9.51 -7.57
C PHE A 290 1.64 9.34 -8.46
N SER A 291 0.60 8.75 -7.89
CA SER A 291 -0.65 8.51 -8.60
C SER A 291 -1.25 9.76 -9.28
N ALA A 292 -1.82 9.57 -10.46
CA ALA A 292 -2.42 10.70 -11.23
C ALA A 292 -3.81 11.07 -10.67
N GLU A 293 -4.23 10.36 -9.65
CA GLU A 293 -5.53 10.55 -9.06
C GLU A 293 -5.52 11.92 -8.29
N LYS A 294 -6.58 12.71 -8.45
CA LYS A 294 -6.64 13.99 -7.78
C LYS A 294 -6.15 14.15 -6.30
N GLY A 295 -6.60 13.28 -5.41
CA GLY A 295 -6.29 13.40 -3.97
C GLY A 295 -4.88 12.94 -3.57
N ALA A 296 -4.12 12.47 -4.54
CA ALA A 296 -2.82 11.92 -4.27
C ALA A 296 -1.91 12.87 -3.48
N ARG A 297 -1.84 14.13 -3.92
CA ARG A 297 -0.94 15.06 -3.33
C ARG A 297 -1.22 15.28 -1.86
N ILE A 298 -2.50 15.38 -1.54
CA ILE A 298 -2.97 15.60 -0.18
C ILE A 298 -2.70 14.40 0.63
N ALA A 299 -2.94 13.21 0.09
CA ALA A 299 -2.75 12.03 0.90
C ALA A 299 -1.28 11.86 1.22
N LEU A 300 -0.48 11.96 0.18
CA LEU A 300 0.95 11.85 0.32
C LEU A 300 1.55 12.88 1.24
N ALA A 301 1.03 14.11 1.21
CA ALA A 301 1.53 15.13 2.15
C ALA A 301 1.23 14.76 3.58
N HIS A 302 0.07 14.20 3.87
CA HIS A 302 -0.25 13.79 5.24
C HIS A 302 0.64 12.65 5.74
N LEU A 303 1.17 11.82 4.83
CA LEU A 303 2.15 10.80 5.20
C LEU A 303 3.59 11.34 5.14
N SER A 304 3.74 12.61 4.80
CA SER A 304 5.08 13.16 4.56
C SER A 304 5.86 12.26 3.60
N MET A 305 5.28 11.92 2.46
CA MET A 305 6.00 11.02 1.51
C MET A 305 6.14 11.65 0.20
N GLU A 306 7.28 11.40 -0.47
CA GLU A 306 7.62 11.90 -1.79
C GLU A 306 7.99 10.68 -2.70
N PRO A 307 7.07 10.26 -3.60
CA PRO A 307 7.36 9.10 -4.41
C PRO A 307 8.60 9.22 -5.22
N TYR A 308 9.22 8.11 -5.58
CA TYR A 308 10.40 8.16 -6.42
C TYR A 308 10.02 8.34 -7.90
N LEU A 309 8.87 7.84 -8.28
CA LEU A 309 8.45 7.72 -9.66
C LEU A 309 7.22 8.60 -10.01
N HIS A 310 7.36 9.36 -11.07
CA HIS A 310 6.36 10.26 -11.49
C HIS A 310 5.87 9.82 -12.84
N MET A 311 5.04 8.80 -12.85
CA MET A 311 4.67 8.12 -14.09
C MET A 311 3.28 8.53 -14.61
N ALA A 312 2.56 9.41 -13.93
CA ALA A 312 1.12 9.66 -14.22
C ALA A 312 0.27 8.39 -14.29
N MET A 313 0.60 7.40 -13.44
CA MET A 313 0.01 6.10 -13.46
C MET A 313 -1.22 6.05 -12.54
N ARG A 314 -2.25 5.33 -12.94
CA ARG A 314 -3.51 5.23 -12.19
C ARG A 314 -4.22 3.88 -12.49
N LEU A 315 -3.45 2.82 -12.66
CA LEU A 315 -3.97 1.49 -12.92
C LEU A 315 -4.32 0.78 -11.60
N GLY A 316 -3.54 1.06 -10.55
CA GLY A 316 -3.64 0.22 -9.36
C GLY A 316 -2.97 -1.14 -9.50
N GLU A 317 -3.64 -2.15 -8.90
CA GLU A 317 -3.19 -3.53 -8.91
C GLU A 317 -1.86 -3.80 -8.22
N GLY A 318 -1.23 -2.81 -7.64
CA GLY A 318 0.14 -2.95 -7.22
C GLY A 318 1.16 -2.74 -8.36
N SER A 319 0.71 -2.17 -9.45
CA SER A 319 1.62 -1.97 -10.65
C SER A 319 2.81 -1.06 -10.38
N GLY A 320 2.55 0.03 -9.65
CA GLY A 320 3.58 0.99 -9.30
C GLY A 320 4.54 0.45 -8.27
N ALA A 321 4.02 -0.33 -7.33
CA ALA A 321 4.80 -0.97 -6.34
C ALA A 321 5.85 -1.92 -6.99
N ALA A 322 5.36 -2.68 -7.95
CA ALA A 322 6.21 -3.53 -8.78
C ALA A 322 7.29 -2.78 -9.55
N LEU A 323 6.89 -1.71 -10.21
CA LEU A 323 7.79 -0.81 -10.94
C LEU A 323 8.93 -0.24 -10.09
N ALA A 324 8.67 0.03 -8.83
CA ALA A 324 9.72 0.53 -7.93
C ALA A 324 10.64 -0.54 -7.30
N MET A 325 10.28 -1.81 -7.31
CA MET A 325 11.17 -2.75 -6.65
C MET A 325 12.64 -2.69 -7.14
N PRO A 326 12.87 -2.45 -8.46
CA PRO A 326 14.22 -2.29 -8.93
C PRO A 326 14.97 -1.15 -8.25
N ILE A 327 14.21 -0.12 -7.83
CA ILE A 327 14.83 1.01 -7.13
C ILE A 327 15.36 0.62 -5.75
N VAL A 328 14.57 -0.15 -5.04
CA VAL A 328 14.97 -0.66 -3.72
C VAL A 328 16.24 -1.51 -3.89
N GLU A 329 16.20 -2.37 -4.93
CA GLU A 329 17.34 -3.18 -5.26
C GLU A 329 18.56 -2.39 -5.60
N ALA A 330 18.38 -1.23 -6.23
CA ALA A 330 19.52 -0.40 -6.59
C ALA A 330 20.15 0.21 -5.32
N ALA A 331 19.33 0.54 -4.32
CA ALA A 331 19.87 1.09 -3.10
C ALA A 331 20.80 0.04 -2.47
N CYS A 332 20.38 -1.22 -2.49
CA CYS A 332 21.16 -2.29 -1.91
C CYS A 332 22.43 -2.56 -2.69
N ALA A 333 22.33 -2.49 -4.02
CA ALA A 333 23.48 -2.78 -4.85
C ALA A 333 24.49 -1.70 -4.63
N MET A 334 24.03 -0.44 -4.58
CA MET A 334 24.89 0.68 -4.27
C MET A 334 25.64 0.34 -3.02
N PHE A 335 24.90 -0.06 -2.00
CA PHE A 335 25.46 -0.27 -0.64
C PHE A 335 26.49 -1.39 -0.63
N HIS A 336 26.14 -2.51 -1.25
CA HIS A 336 26.97 -3.70 -1.16
C HIS A 336 28.09 -3.75 -2.21
N ASN A 337 27.93 -3.04 -3.31
CA ASN A 337 28.79 -3.33 -4.45
C ASN A 337 29.69 -2.12 -4.78
N MET A 338 29.44 -0.96 -4.25
CA MET A 338 30.39 0.15 -4.52
C MET A 338 31.68 -0.03 -3.78
N GLY A 339 32.76 0.45 -4.43
CA GLY A 339 34.08 0.54 -3.81
C GLY A 339 34.10 1.71 -2.84
N GLU A 340 35.25 1.94 -2.23
CA GLU A 340 35.36 2.95 -1.18
C GLU A 340 36.39 4.03 -1.49
N LEU A 341 36.08 5.24 -1.07
CA LEU A 341 36.96 6.37 -1.19
C LEU A 341 38.32 6.06 -0.66
N ALA A 342 38.36 5.48 0.53
CA ALA A 342 39.63 5.26 1.22
C ALA A 342 40.58 4.36 0.43
N ALA A 343 40.03 3.36 -0.29
CA ALA A 343 40.83 2.45 -1.03
C ALA A 343 41.39 3.06 -2.29
N SER A 344 40.88 4.21 -2.70
CA SER A 344 41.49 4.96 -3.82
C SER A 344 42.29 6.17 -3.25
N ASN A 345 42.53 6.22 -1.94
CA ASN A 345 43.13 7.38 -1.32
C ASN A 345 42.49 8.69 -1.74
N ILE A 346 41.18 8.79 -1.72
CA ILE A 346 40.51 10.05 -2.00
C ILE A 346 40.06 10.55 -0.63
N VAL A 347 40.60 11.68 -0.17
CA VAL A 347 40.26 12.19 1.16
C VAL A 347 39.02 13.05 1.10
N LEU A 348 38.22 13.07 2.18
CA LEU A 348 37.10 13.98 2.27
C LEU A 348 37.67 15.39 2.18
N PRO A 349 37.14 16.20 1.27
CA PRO A 349 37.46 17.61 1.28
C PRO A 349 36.47 18.33 2.14
P NCN B . -13.18 3.43 -9.95
O1P NCN B . -13.26 3.90 -8.47
O2P NCN B . -13.36 4.58 -10.90
O3P NCN B . -13.96 2.21 -10.16
O5' NCN B . -11.62 3.07 -10.19
C5' NCN B . -11.13 1.92 -9.46
C4' NCN B . -10.14 1.01 -10.14
O4' NCN B . -9.30 1.50 -11.14
C3' NCN B . -9.60 -0.16 -9.40
O3' NCN B . -9.73 -1.54 -9.59
C2' NCN B . -8.19 0.40 -9.38
O2' NCN B . -7.09 -0.17 -8.65
C1' NCN B . -8.03 1.46 -10.47
N1 NCN B . -7.48 2.79 -10.13
C6 NCN B . -8.11 3.90 -10.55
C5 NCN B . -7.53 5.14 -10.31
C4 NCN B . -6.35 5.23 -9.58
C3 NCN B . -5.72 4.04 -9.19
C2 NCN B . -6.34 2.84 -9.45
C7 NCN B . -4.44 4.13 -8.40
O7 NCN B . -3.95 5.25 -8.22
O8 NCN B . -3.97 3.12 -7.84
CB PCR C . -10.90 -2.25 -17.00
CG PCR C . -9.85 -2.43 -15.92
CD1 PCR C . -9.99 -1.89 -14.63
CE1 PCR C . -8.96 -2.11 -13.69
CD2 PCR C . -8.75 -3.19 -16.23
CE2 PCR C . -7.73 -3.42 -15.31
CZ PCR C . -7.85 -2.87 -14.07
OH PCR C . -6.84 -3.12 -13.17
S SO4 D . 9.64 9.07 2.02
O1 SO4 D . 8.43 8.44 2.64
O2 SO4 D . 10.27 9.85 3.13
O3 SO4 D . 10.58 8.01 1.66
O4 SO4 D . 9.32 9.97 0.92
#